data_5HV7
#
_entry.id   5HV7
#
_cell.length_a   102.633
_cell.length_b   47.012
_cell.length_c   88.655
_cell.angle_alpha   90.00
_cell.angle_beta   91.44
_cell.angle_gamma   90.00
#
_symmetry.space_group_name_H-M   'C 1 2 1'
#
loop_
_entity.id
_entity.type
_entity.pdbx_description
1 polymer 'Probable sugar kinase'
2 non-polymer D-ribulose
3 water water
#
_entity_poly.entity_id   1
_entity_poly.type   'polypeptide(L)'
_entity_poly.pdbx_seq_one_letter_code
;MGMVVALGLDFGTSGARAIACDFDSDRSVSVSVTFPKTSQNWPQVWREALWQLLTQIPADWRSRIERIAIDGTSGTVLLC
DREGQPQTEPLLYNQACPIDLADLADWVPADHAALSSTSSLAKLWFWQQQFGALPPDWQILAQADWLSLQLHGCSQQSDY
HNALKLGYSPDRERFSKNLLDSELGALLPVVHEPGVAIGPILPAIAQEFGLSPDCQICAGTTDSIAAFLASGAHQPGEAV
TSLGSTIVLKLLSQVAVSDRLTGVYSHKLGGYWLTGGASNCGGATLRQFFPDTELESLSCQIDPTKKSGLDYYPLPSRGE
RFPIADPDRLPQLEPRPENPVQFLQGLLEGLTQVETLGYQRLQDLGATPLKRIWTAGGGAKNAVWQQLRQQAIGVPIAIA
PNTEAAFGTARLAAFGLAAFHSAGLKRTLEHHHHHH
;
_entity_poly.pdbx_strand_id   A
#
# COMPACT_ATOMS: atom_id res chain seq x y z
N MET A 3 8.95 -9.59 21.70
CA MET A 3 10.04 -9.19 22.60
C MET A 3 11.04 -8.32 21.87
N VAL A 4 11.16 -8.56 20.58
CA VAL A 4 12.04 -7.79 19.71
C VAL A 4 11.72 -6.29 19.77
N VAL A 5 12.78 -5.48 19.72
CA VAL A 5 12.66 -4.06 19.46
C VAL A 5 12.93 -3.81 17.98
N ALA A 6 11.91 -3.39 17.25
CA ALA A 6 12.01 -3.32 15.80
C ALA A 6 11.75 -1.92 15.26
N LEU A 7 12.38 -1.60 14.14
CA LEU A 7 12.24 -0.30 13.51
C LEU A 7 11.51 -0.41 12.19
N GLY A 8 10.42 0.35 12.07
CA GLY A 8 9.65 0.43 10.85
C GLY A 8 9.84 1.77 10.17
N LEU A 9 10.35 1.72 8.94
CA LEU A 9 10.57 2.92 8.15
C LEU A 9 9.53 3.01 7.04
N ASP A 10 8.82 4.14 7.00
CA ASP A 10 7.75 4.35 6.04
C ASP A 10 8.06 5.51 5.11
N PHE A 11 8.24 5.21 3.83
CA PHE A 11 8.46 6.25 2.83
C PHE A 11 7.27 6.34 1.89
N GLY A 12 6.45 7.36 2.09
CA GLY A 12 5.20 7.51 1.34
C GLY A 12 5.21 8.61 0.30
N THR A 13 4.02 9.10 -0.03
CA THR A 13 3.84 10.10 -1.08
C THR A 13 4.38 11.47 -0.72
N SER A 14 4.14 11.89 0.52
CA SER A 14 4.44 13.26 0.93
C SER A 14 5.60 13.37 1.91
N GLY A 15 5.96 12.27 2.56
CA GLY A 15 7.02 12.30 3.55
C GLY A 15 7.51 10.93 3.98
N ALA A 16 8.18 10.90 5.13
CA ALA A 16 8.72 9.67 5.68
C ALA A 16 8.62 9.63 7.20
N ARG A 17 8.15 8.53 7.74
CA ARG A 17 8.00 8.39 9.19
C ARG A 17 8.71 7.15 9.71
N ALA A 18 9.45 7.30 10.80
CA ALA A 18 10.11 6.18 11.45
C ALA A 18 9.44 5.87 12.78
N ILE A 19 9.13 4.60 13.00
CA ILE A 19 8.54 4.19 14.28
C ILE A 19 9.28 2.98 14.85
N ALA A 20 9.88 3.18 16.03
CA ALA A 20 10.57 2.09 16.72
C ALA A 20 9.71 1.57 17.85
N CYS A 21 9.53 0.25 17.91
CA CYS A 21 8.66 -0.37 18.88
C CYS A 21 9.34 -1.47 19.69
N ASP A 22 9.27 -1.33 21.01
CA ASP A 22 9.51 -2.45 21.92
C ASP A 22 8.20 -3.18 22.10
N PHE A 23 8.06 -4.33 21.43
CA PHE A 23 6.81 -5.08 21.43
C PHE A 23 6.64 -5.92 22.68
N ASP A 24 7.66 -5.94 23.54
CA ASP A 24 7.57 -6.68 24.79
C ASP A 24 6.81 -5.87 25.83
N SER A 25 7.13 -4.59 25.93
CA SER A 25 6.43 -3.68 26.83
C SER A 25 5.38 -2.88 26.07
N ASP A 26 5.31 -3.11 24.77
CA ASP A 26 4.41 -2.39 23.87
C ASP A 26 4.57 -0.87 24.02
N ARG A 27 5.81 -0.41 23.90
CA ARG A 27 6.10 1.03 23.95
C ARG A 27 6.78 1.46 22.65
N SER A 28 6.46 2.64 22.15
CA SER A 28 7.01 3.08 20.87
C SER A 28 7.55 4.50 20.88
N VAL A 29 8.27 4.85 19.82
CA VAL A 29 8.71 6.21 19.57
C VAL A 29 8.59 6.48 18.08
N SER A 30 8.12 7.68 17.73
CA SER A 30 7.84 8.01 16.34
C SER A 30 8.43 9.36 15.94
N VAL A 31 9.11 9.40 14.80
CA VAL A 31 9.66 10.65 14.28
C VAL A 31 9.28 10.83 12.81
N SER A 32 9.26 12.07 12.34
CA SER A 32 8.77 12.37 11.00
C SER A 32 9.68 13.32 10.22
N VAL A 33 9.59 13.23 8.90
CA VAL A 33 10.31 14.11 7.98
C VAL A 33 9.41 14.43 6.77
N THR A 34 9.29 15.71 6.45
CA THR A 34 8.44 16.12 5.34
C THR A 34 9.24 16.38 4.07
N PHE A 35 8.86 15.70 2.99
CA PHE A 35 9.53 15.86 1.70
C PHE A 35 9.19 17.22 1.10
N PRO A 36 10.09 17.74 0.24
CA PRO A 36 9.77 18.94 -0.54
C PRO A 36 8.59 18.70 -1.47
N LYS A 37 8.01 19.76 -2.02
CA LYS A 37 6.88 19.63 -2.94
C LYS A 37 7.36 18.96 -4.23
N THR A 38 8.57 19.30 -4.64
CA THR A 38 9.26 18.61 -5.73
C THR A 38 10.76 18.85 -5.62
N SER A 39 11.55 18.00 -6.26
CA SER A 39 13.00 18.04 -6.14
C SER A 39 13.72 17.84 -7.46
N GLN A 40 15.03 18.08 -7.45
CA GLN A 40 15.88 17.87 -8.61
C GLN A 40 16.67 16.58 -8.44
N ASN A 41 16.76 16.12 -7.19
CA ASN A 41 17.45 14.88 -6.86
C ASN A 41 16.69 14.11 -5.78
N TRP A 42 15.62 13.45 -6.18
CA TRP A 42 14.78 12.69 -5.25
C TRP A 42 15.49 11.57 -4.49
N PRO A 43 16.41 10.84 -5.13
CA PRO A 43 17.17 9.87 -4.33
C PRO A 43 17.91 10.52 -3.15
N GLN A 44 18.50 11.68 -3.39
CA GLN A 44 19.20 12.40 -2.34
C GLN A 44 18.24 12.78 -1.21
N VAL A 45 17.05 13.21 -1.60
CA VAL A 45 16.00 13.56 -0.64
C VAL A 45 15.62 12.37 0.23
N TRP A 46 15.41 11.23 -0.43
CA TRP A 46 15.02 10.00 0.27
C TRP A 46 16.11 9.52 1.23
N ARG A 47 17.34 9.49 0.76
CA ARG A 47 18.46 9.01 1.56
C ARG A 47 18.75 9.94 2.75
N GLU A 48 18.75 11.24 2.48
CA GLU A 48 18.94 12.22 3.55
C GLU A 48 17.81 12.10 4.56
N ALA A 49 16.61 11.82 4.08
CA ALA A 49 15.47 11.59 4.96
C ALA A 49 15.70 10.35 5.81
N LEU A 50 16.37 9.36 5.23
CA LEU A 50 16.69 8.13 5.96
C LEU A 50 17.63 8.44 7.12
N TRP A 51 18.76 9.08 6.82
CA TRP A 51 19.72 9.41 7.87
C TRP A 51 19.12 10.34 8.92
N GLN A 52 18.27 11.25 8.47
CA GLN A 52 17.60 12.20 9.36
C GLN A 52 16.64 11.49 10.32
N LEU A 53 15.88 10.54 9.77
CA LEU A 53 14.98 9.72 10.57
C LEU A 53 15.77 8.95 11.62
N LEU A 54 16.85 8.29 11.18
CA LEU A 54 17.70 7.55 12.11
C LEU A 54 18.26 8.46 13.19
N THR A 55 18.57 9.70 12.81
CA THR A 55 19.16 10.66 13.74
C THR A 55 18.16 11.11 14.80
N GLN A 56 16.92 11.35 14.40
CA GLN A 56 15.90 11.85 15.32
C GLN A 56 15.50 10.81 16.37
N ILE A 57 15.82 9.55 16.12
CA ILE A 57 15.52 8.48 17.08
C ILE A 57 16.52 8.50 18.24
N PRO A 58 16.01 8.49 19.48
CA PRO A 58 16.83 8.48 20.70
C PRO A 58 17.90 7.39 20.68
N ALA A 59 19.06 7.70 21.27
CA ALA A 59 20.20 6.78 21.27
C ALA A 59 19.89 5.49 22.04
N ASP A 60 19.20 5.64 23.17
CA ASP A 60 18.81 4.50 23.99
C ASP A 60 17.93 3.52 23.21
N TRP A 61 17.15 4.06 22.27
CA TRP A 61 16.33 3.23 21.41
C TRP A 61 17.16 2.59 20.31
N ARG A 62 18.03 3.38 19.68
CA ARG A 62 18.85 2.90 18.57
C ARG A 62 19.81 1.79 18.98
N SER A 63 20.25 1.82 20.24
CA SER A 63 21.17 0.81 20.73
C SER A 63 20.45 -0.52 20.97
N ARG A 64 19.13 -0.50 20.93
CA ARG A 64 18.34 -1.69 21.21
C ARG A 64 17.54 -2.19 20.01
N ILE A 65 17.68 -1.52 18.87
CA ILE A 65 17.02 -1.95 17.65
C ILE A 65 17.72 -3.17 17.06
N GLU A 66 16.97 -4.25 16.86
CA GLU A 66 17.56 -5.49 16.38
C GLU A 66 17.19 -5.80 14.93
N ARG A 67 16.02 -5.32 14.49
CA ARG A 67 15.56 -5.57 13.12
C ARG A 67 14.94 -4.32 12.51
N ILE A 68 15.20 -4.10 11.23
CA ILE A 68 14.69 -2.93 10.53
C ILE A 68 14.00 -3.32 9.22
N ALA A 69 12.83 -2.74 8.97
CA ALA A 69 12.14 -2.97 7.70
C ALA A 69 11.73 -1.65 7.07
N ILE A 70 11.61 -1.62 5.75
CA ILE A 70 11.27 -0.40 5.03
C ILE A 70 10.15 -0.61 4.01
N ASP A 71 9.11 0.21 4.08
CA ASP A 71 8.09 0.20 3.05
C ASP A 71 8.20 1.46 2.20
N GLY A 72 7.96 1.31 0.90
CA GLY A 72 8.03 2.43 -0.02
C GLY A 72 6.82 2.47 -0.95
N THR A 73 6.74 3.54 -1.73
CA THR A 73 5.64 3.72 -2.68
C THR A 73 5.74 2.72 -3.82
N SER A 74 4.59 2.17 -4.23
CA SER A 74 4.54 1.17 -5.29
C SER A 74 4.61 1.81 -6.67
N GLY A 75 5.66 1.48 -7.42
CA GLY A 75 5.81 1.99 -8.76
C GLY A 75 6.94 2.98 -8.89
N THR A 76 7.42 3.47 -7.75
CA THR A 76 8.57 4.37 -7.74
C THR A 76 9.86 3.57 -7.85
N VAL A 77 10.49 3.60 -9.03
CA VAL A 77 11.68 2.80 -9.27
C VAL A 77 12.89 3.64 -9.64
N LEU A 78 14.07 3.03 -9.52
CA LEU A 78 15.33 3.71 -9.77
C LEU A 78 16.24 2.82 -10.62
N LEU A 79 16.89 3.44 -11.60
CA LEU A 79 17.85 2.73 -12.44
C LEU A 79 19.26 3.02 -11.95
N CYS A 80 19.97 1.97 -11.54
CA CYS A 80 21.27 2.16 -10.91
C CYS A 80 22.33 1.23 -11.49
N ASP A 81 23.59 1.52 -11.20
CA ASP A 81 24.69 0.64 -11.54
C ASP A 81 24.82 -0.46 -10.49
N ARG A 82 25.94 -1.17 -10.48
CA ARG A 82 26.17 -2.20 -9.49
C ARG A 82 26.30 -1.62 -8.08
N GLU A 83 26.79 -0.38 -8.01
CA GLU A 83 27.05 0.26 -6.74
C GLU A 83 25.81 0.98 -6.20
N GLY A 84 24.70 0.86 -6.93
CA GLY A 84 23.44 1.40 -6.48
C GLY A 84 23.25 2.89 -6.74
N GLN A 85 24.13 3.47 -7.55
CA GLN A 85 24.04 4.89 -7.87
C GLN A 85 23.09 5.13 -9.04
N PRO A 86 22.07 5.98 -8.81
CA PRO A 86 21.07 6.32 -9.83
C PRO A 86 21.71 6.88 -11.10
N GLN A 87 21.40 6.26 -12.24
CA GLN A 87 21.97 6.66 -13.51
C GLN A 87 21.05 7.59 -14.29
N THR A 88 19.87 7.83 -13.71
CA THR A 88 18.88 8.73 -14.31
C THR A 88 17.83 9.10 -13.28
N GLU A 89 16.90 9.98 -13.68
CA GLU A 89 15.82 10.38 -12.79
C GLU A 89 14.89 9.19 -12.51
N PRO A 90 14.51 9.02 -11.23
CA PRO A 90 13.56 7.99 -10.83
C PRO A 90 12.19 8.19 -11.49
N LEU A 91 11.52 7.10 -11.82
CA LEU A 91 10.15 7.16 -12.31
C LEU A 91 9.22 6.93 -11.15
N LEU A 92 8.42 7.95 -10.82
CA LEU A 92 7.59 7.94 -9.62
C LEU A 92 6.38 7.02 -9.75
N TYR A 93 5.70 6.81 -8.62
CA TYR A 93 4.56 5.90 -8.56
C TYR A 93 3.41 6.34 -9.47
N ASN A 94 3.15 7.63 -9.51
CA ASN A 94 2.03 8.18 -10.28
C ASN A 94 2.34 8.48 -11.74
N GLN A 95 3.62 8.39 -12.14
CA GLN A 95 4.01 8.67 -13.51
C GLN A 95 3.75 7.48 -14.42
N ALA A 96 3.08 7.72 -15.54
CA ALA A 96 2.78 6.67 -16.51
C ALA A 96 3.77 6.71 -17.67
N CYS A 97 3.93 5.57 -18.34
CA CYS A 97 4.85 5.49 -19.47
C CYS A 97 4.12 5.14 -20.76
N PRO A 98 4.36 5.93 -21.82
CA PRO A 98 3.73 5.74 -23.13
C PRO A 98 4.34 4.58 -23.91
N ILE A 99 4.16 3.36 -23.42
CA ILE A 99 4.70 2.19 -24.09
C ILE A 99 3.58 1.27 -24.59
N ASP A 100 3.97 0.25 -25.34
CA ASP A 100 3.02 -0.74 -25.84
C ASP A 100 3.08 -1.98 -24.96
N LEU A 101 2.00 -2.24 -24.22
CA LEU A 101 1.95 -3.37 -23.29
C LEU A 101 2.08 -4.72 -24.00
N ALA A 102 1.83 -4.72 -25.31
CA ALA A 102 1.97 -5.92 -26.11
C ALA A 102 3.42 -6.40 -26.16
N ASP A 103 4.35 -5.50 -25.86
CA ASP A 103 5.76 -5.84 -25.81
C ASP A 103 6.08 -6.63 -24.54
N LEU A 104 5.17 -6.59 -23.57
CA LEU A 104 5.36 -7.28 -22.30
C LEU A 104 4.49 -8.54 -22.22
N ALA A 105 3.92 -8.94 -23.35
CA ALA A 105 2.99 -10.06 -23.38
C ALA A 105 3.68 -11.40 -23.17
N ASP A 106 4.89 -11.55 -23.70
CA ASP A 106 5.61 -12.81 -23.63
C ASP A 106 6.48 -12.92 -22.38
N TRP A 107 6.33 -11.98 -21.46
CA TRP A 107 7.15 -11.96 -20.25
C TRP A 107 6.33 -12.23 -18.99
N VAL A 108 5.03 -11.97 -19.07
CA VAL A 108 4.13 -12.23 -17.96
C VAL A 108 2.85 -12.88 -18.47
N PRO A 109 2.15 -13.64 -17.60
CA PRO A 109 0.86 -14.23 -18.01
C PRO A 109 -0.18 -13.17 -18.34
N ALA A 110 -1.27 -13.58 -18.99
CA ALA A 110 -2.31 -12.64 -19.39
C ALA A 110 -2.97 -11.99 -18.18
N ASP A 111 -3.37 -10.73 -18.35
CA ASP A 111 -4.06 -9.97 -17.31
C ASP A 111 -3.25 -9.85 -16.01
N HIS A 112 -1.93 -9.88 -16.13
CA HIS A 112 -1.06 -9.76 -14.97
C HIS A 112 -1.04 -8.31 -14.48
N ALA A 113 -0.78 -8.12 -13.19
CA ALA A 113 -0.82 -6.81 -12.58
C ALA A 113 0.26 -5.87 -13.12
N ALA A 114 1.33 -6.45 -13.66
CA ALA A 114 2.44 -5.66 -14.21
C ALA A 114 2.09 -5.08 -15.57
N LEU A 115 0.96 -5.51 -16.13
CA LEU A 115 0.48 -4.97 -17.39
C LEU A 115 -0.22 -3.63 -17.17
N SER A 116 0.56 -2.62 -16.85
CA SER A 116 0.05 -1.28 -16.62
C SER A 116 1.13 -0.25 -16.93
N SER A 117 0.71 0.90 -17.46
CA SER A 117 1.64 1.95 -17.87
C SER A 117 2.37 2.57 -16.69
N THR A 118 1.92 2.27 -15.47
CA THR A 118 2.54 2.79 -14.26
C THR A 118 3.30 1.71 -13.49
N SER A 119 3.38 0.52 -14.05
CA SER A 119 4.05 -0.60 -13.38
C SER A 119 5.56 -0.49 -13.49
N SER A 120 6.26 -1.18 -12.60
CA SER A 120 7.72 -1.15 -12.58
C SER A 120 8.33 -1.81 -13.82
N LEU A 121 7.67 -2.86 -14.31
CA LEU A 121 8.12 -3.55 -15.51
C LEU A 121 7.99 -2.66 -16.74
N ALA A 122 6.88 -1.94 -16.82
CA ALA A 122 6.64 -1.02 -17.93
C ALA A 122 7.65 0.11 -17.93
N LYS A 123 8.09 0.51 -16.74
CA LYS A 123 9.08 1.57 -16.59
C LYS A 123 10.48 1.06 -16.91
N LEU A 124 10.71 -0.22 -16.63
CA LEU A 124 11.97 -0.87 -16.99
C LEU A 124 12.11 -0.96 -18.50
N TRP A 125 11.07 -1.46 -19.16
CA TRP A 125 11.03 -1.51 -20.61
C TRP A 125 11.17 -0.11 -21.19
N PHE A 126 10.46 0.83 -20.57
CA PHE A 126 10.55 2.25 -20.91
C PHE A 126 12.00 2.72 -20.96
N TRP A 127 12.71 2.58 -19.85
CA TRP A 127 14.12 2.94 -19.76
C TRP A 127 14.96 2.23 -20.82
N GLN A 128 14.65 0.95 -21.04
CA GLN A 128 15.34 0.15 -22.04
C GLN A 128 15.20 0.77 -23.43
N GLN A 129 14.06 1.40 -23.69
CA GLN A 129 13.84 2.05 -24.98
C GLN A 129 14.79 3.22 -25.23
N GLN A 130 14.87 4.15 -24.28
CA GLN A 130 15.65 5.38 -24.49
C GLN A 130 17.14 5.21 -24.21
N PHE A 131 17.50 4.18 -23.44
CA PHE A 131 18.92 3.90 -23.24
C PHE A 131 19.44 2.94 -24.32
N GLY A 132 18.52 2.43 -25.12
CA GLY A 132 18.86 1.51 -26.20
C GLY A 132 19.21 0.13 -25.66
N ALA A 133 20.35 0.04 -24.99
CA ALA A 133 20.78 -1.23 -24.40
C ALA A 133 21.23 -1.01 -22.97
N LEU A 134 20.49 -1.58 -22.02
CA LEU A 134 20.83 -1.49 -20.61
C LEU A 134 21.93 -2.48 -20.24
N PRO A 135 23.01 -1.98 -19.62
CA PRO A 135 24.12 -2.82 -19.15
C PRO A 135 23.63 -3.93 -18.23
N PRO A 136 24.19 -5.15 -18.39
CA PRO A 136 23.77 -6.32 -17.62
C PRO A 136 24.09 -6.18 -16.13
N ASP A 137 25.09 -5.38 -15.80
CA ASP A 137 25.51 -5.22 -14.42
C ASP A 137 24.69 -4.16 -13.69
N TRP A 138 23.78 -3.49 -14.43
CA TRP A 138 22.90 -2.50 -13.82
C TRP A 138 21.75 -3.18 -13.10
N GLN A 139 20.86 -2.38 -12.51
CA GLN A 139 19.76 -2.91 -11.71
C GLN A 139 18.61 -1.91 -11.58
N ILE A 140 17.39 -2.44 -11.53
CA ILE A 140 16.22 -1.63 -11.22
C ILE A 140 15.80 -1.90 -9.78
N LEU A 141 15.54 -0.84 -9.03
CA LEU A 141 15.23 -0.98 -7.61
C LEU A 141 14.05 -0.12 -7.18
N ALA A 142 13.07 -0.72 -6.54
CA ALA A 142 11.97 0.05 -5.96
C ALA A 142 12.51 0.93 -4.84
N GLN A 143 11.75 1.95 -4.47
CA GLN A 143 12.14 2.89 -3.43
C GLN A 143 12.60 2.17 -2.16
N ALA A 144 11.76 1.26 -1.69
CA ALA A 144 12.08 0.46 -0.51
C ALA A 144 13.35 -0.36 -0.71
N ASP A 145 13.49 -0.95 -1.89
CA ASP A 145 14.68 -1.75 -2.22
C ASP A 145 15.95 -0.93 -2.09
N TRP A 146 15.95 0.25 -2.69
CA TRP A 146 17.10 1.15 -2.71
C TRP A 146 17.44 1.64 -1.30
N LEU A 147 16.41 2.06 -0.57
CA LEU A 147 16.61 2.55 0.79
C LEU A 147 17.15 1.48 1.74
N SER A 148 16.67 0.24 1.59
CA SER A 148 17.19 -0.86 2.39
C SER A 148 18.60 -1.24 1.93
N LEU A 149 18.87 -1.03 0.65
CA LEU A 149 20.20 -1.22 0.10
C LEU A 149 21.18 -0.27 0.77
N GLN A 150 20.69 0.92 1.13
CA GLN A 150 21.52 1.87 1.88
C GLN A 150 21.90 1.32 3.26
N LEU A 151 21.17 0.31 3.73
CA LEU A 151 21.38 -0.21 5.08
C LEU A 151 22.16 -1.54 5.10
N HIS A 152 21.85 -2.44 4.18
CA HIS A 152 22.49 -3.75 4.19
C HIS A 152 23.53 -3.93 3.08
N GLY A 153 23.45 -3.10 2.05
CA GLY A 153 24.46 -3.09 1.00
C GLY A 153 24.42 -4.27 0.04
N CYS A 154 23.35 -5.06 0.11
CA CYS A 154 23.17 -6.18 -0.81
C CYS A 154 22.39 -5.76 -2.05
N SER A 155 23.06 -5.73 -3.19
CA SER A 155 22.45 -5.24 -4.42
C SER A 155 21.42 -6.22 -4.98
N GLN A 156 20.47 -5.68 -5.74
CA GLN A 156 19.44 -6.45 -6.42
C GLN A 156 18.63 -7.33 -5.47
N GLN A 157 18.06 -6.70 -4.44
CA GLN A 157 17.24 -7.40 -3.45
C GLN A 157 15.88 -6.72 -3.29
N SER A 158 14.81 -7.49 -3.42
CA SER A 158 13.46 -6.95 -3.29
C SER A 158 12.50 -7.94 -2.64
N ASP A 159 11.24 -7.55 -2.50
CA ASP A 159 10.22 -8.39 -1.88
C ASP A 159 9.10 -8.69 -2.88
N TYR A 160 8.31 -9.73 -2.61
CA TYR A 160 7.29 -10.10 -3.59
C TYR A 160 6.01 -9.25 -3.50
N HIS A 161 6.09 -8.13 -2.79
CA HIS A 161 5.03 -7.13 -2.86
C HIS A 161 5.43 -6.09 -3.91
N ASN A 162 6.63 -5.53 -3.74
CA ASN A 162 7.16 -4.57 -4.70
C ASN A 162 7.44 -5.21 -6.07
N ALA A 163 7.82 -6.47 -6.06
CA ALA A 163 8.24 -7.15 -7.29
C ALA A 163 7.07 -7.59 -8.15
N LEU A 164 5.86 -7.57 -7.59
CA LEU A 164 4.66 -8.00 -8.31
C LEU A 164 4.46 -7.24 -9.62
N LYS A 165 4.45 -5.91 -9.55
CA LYS A 165 4.23 -5.09 -10.73
C LYS A 165 5.50 -4.97 -11.59
N LEU A 166 6.55 -5.66 -11.18
CA LEU A 166 7.78 -5.73 -11.97
C LEU A 166 7.75 -6.97 -12.85
N GLY A 167 6.79 -7.85 -12.61
CA GLY A 167 6.61 -9.03 -13.43
C GLY A 167 6.63 -10.34 -12.65
N TYR A 168 6.95 -10.24 -11.36
CA TYR A 168 7.04 -11.42 -10.51
C TYR A 168 5.68 -12.09 -10.35
N SER A 169 5.67 -13.42 -10.32
CA SER A 169 4.44 -14.18 -10.11
C SER A 169 4.48 -14.91 -8.77
N PRO A 170 3.96 -14.27 -7.72
CA PRO A 170 3.99 -14.80 -6.35
C PRO A 170 3.26 -16.13 -6.18
N ASP A 171 2.33 -16.43 -7.09
CA ASP A 171 1.60 -17.70 -7.03
C ASP A 171 2.53 -18.88 -7.29
N ARG A 172 3.44 -18.71 -8.24
CA ARG A 172 4.43 -19.75 -8.51
C ARG A 172 5.82 -19.30 -8.05
N GLU A 173 5.87 -18.15 -7.39
CA GLU A 173 7.07 -17.62 -6.74
C GLU A 173 8.29 -17.57 -7.67
N ARG A 174 8.13 -16.89 -8.80
CA ARG A 174 9.22 -16.77 -9.77
C ARG A 174 8.93 -15.73 -10.85
N PHE A 175 9.99 -15.29 -11.51
CA PHE A 175 9.84 -14.58 -12.78
C PHE A 175 9.77 -15.65 -13.87
N SER A 176 9.13 -15.32 -15.00
CA SER A 176 9.08 -16.25 -16.11
C SER A 176 10.48 -16.46 -16.68
N LYS A 177 10.72 -17.65 -17.21
CA LYS A 177 12.02 -17.95 -17.81
C LYS A 177 12.26 -17.07 -19.03
N ASN A 178 11.17 -16.65 -19.67
CA ASN A 178 11.26 -15.72 -20.79
C ASN A 178 11.79 -14.36 -20.36
N LEU A 179 11.32 -13.88 -19.21
CA LEU A 179 11.75 -12.59 -18.69
C LEU A 179 13.16 -12.66 -18.10
N LEU A 180 13.48 -13.79 -17.49
CA LEU A 180 14.81 -13.98 -16.89
C LEU A 180 15.90 -14.10 -17.96
N ASP A 181 15.55 -14.72 -19.09
CA ASP A 181 16.50 -14.88 -20.19
C ASP A 181 16.45 -13.72 -21.16
N SER A 182 15.65 -12.71 -20.83
CA SER A 182 15.51 -11.55 -21.70
C SER A 182 16.61 -10.54 -21.46
N GLU A 183 16.49 -9.39 -22.13
CA GLU A 183 17.46 -8.31 -22.01
C GLU A 183 17.37 -7.59 -20.67
N LEU A 184 16.27 -7.81 -19.96
CA LEU A 184 16.00 -7.12 -18.71
C LEU A 184 16.32 -8.00 -17.50
N GLY A 185 16.47 -9.30 -17.72
CA GLY A 185 16.65 -10.26 -16.65
C GLY A 185 17.82 -9.99 -15.72
N ALA A 186 18.90 -9.45 -16.27
CA ALA A 186 20.11 -9.18 -15.49
C ALA A 186 19.91 -8.01 -14.53
N LEU A 187 18.87 -7.21 -14.77
CA LEU A 187 18.60 -6.06 -13.92
C LEU A 187 17.57 -6.40 -12.84
N LEU A 188 16.91 -7.54 -13.00
CA LEU A 188 15.90 -7.98 -12.05
C LEU A 188 16.51 -8.33 -10.71
N PRO A 189 15.79 -8.04 -9.61
CA PRO A 189 16.26 -8.31 -8.25
C PRO A 189 15.95 -9.73 -7.78
N VAL A 190 16.66 -10.20 -6.77
CA VAL A 190 16.31 -11.45 -6.12
C VAL A 190 15.16 -11.18 -5.15
N VAL A 191 14.07 -11.93 -5.31
CA VAL A 191 12.84 -11.66 -4.58
C VAL A 191 12.68 -12.54 -3.34
N HIS A 192 12.57 -11.90 -2.18
CA HIS A 192 12.35 -12.59 -0.92
C HIS A 192 10.97 -12.28 -0.35
N GLU A 193 10.60 -12.98 0.70
CA GLU A 193 9.35 -12.69 1.41
C GLU A 193 9.53 -11.46 2.30
N PRO A 194 8.58 -10.51 2.23
CA PRO A 194 8.58 -9.34 3.11
C PRO A 194 8.74 -9.73 4.58
N GLY A 195 9.78 -9.22 5.23
CA GLY A 195 10.00 -9.52 6.64
C GLY A 195 11.25 -10.35 6.93
N VAL A 196 11.67 -11.18 5.97
CA VAL A 196 12.83 -12.04 6.19
C VAL A 196 14.14 -11.25 6.13
N ALA A 197 15.14 -11.73 6.84
CA ALA A 197 16.43 -11.03 6.92
C ALA A 197 17.20 -11.12 5.62
N ILE A 198 17.52 -9.95 5.06
CA ILE A 198 18.34 -9.89 3.86
C ILE A 198 19.82 -10.04 4.22
N GLY A 199 20.20 -9.35 5.29
CA GLY A 199 21.58 -9.38 5.76
C GLY A 199 21.76 -8.42 6.91
N PRO A 200 22.90 -8.51 7.61
CA PRO A 200 23.19 -7.61 8.72
C PRO A 200 23.38 -6.18 8.24
N ILE A 201 23.24 -5.21 9.14
CA ILE A 201 23.45 -3.82 8.78
C ILE A 201 24.94 -3.56 8.53
N LEU A 202 25.22 -2.65 7.60
CA LEU A 202 26.60 -2.25 7.31
C LEU A 202 27.28 -1.73 8.57
N PRO A 203 28.48 -2.26 8.87
CA PRO A 203 29.26 -1.92 10.06
C PRO A 203 29.48 -0.42 10.23
N ALA A 204 29.79 0.26 9.14
CA ALA A 204 30.02 1.71 9.16
C ALA A 204 28.74 2.46 9.54
N ILE A 205 27.63 2.07 8.92
CA ILE A 205 26.33 2.65 9.23
C ILE A 205 25.94 2.39 10.67
N ALA A 206 26.18 1.16 11.13
CA ALA A 206 25.86 0.78 12.50
C ALA A 206 26.63 1.61 13.52
N GLN A 207 27.94 1.75 13.31
CA GLN A 207 28.77 2.52 14.24
C GLN A 207 28.47 4.01 14.17
N GLU A 208 28.15 4.49 12.97
CA GLU A 208 27.87 5.92 12.78
C GLU A 208 26.62 6.36 13.52
N PHE A 209 25.56 5.56 13.46
CA PHE A 209 24.28 5.95 14.02
C PHE A 209 23.99 5.26 15.35
N GLY A 210 25.01 4.67 15.94
CA GLY A 210 24.87 4.05 17.25
C GLY A 210 23.92 2.86 17.25
N LEU A 211 23.81 2.20 16.11
CA LEU A 211 23.01 0.99 16.00
C LEU A 211 23.86 -0.23 16.28
N SER A 212 23.21 -1.31 16.73
CA SER A 212 23.92 -2.57 16.96
C SER A 212 24.44 -3.12 15.64
N PRO A 213 25.71 -3.53 15.62
CA PRO A 213 26.31 -4.08 14.40
C PRO A 213 25.72 -5.46 14.03
N ASP A 214 24.88 -6.01 14.91
CA ASP A 214 24.23 -7.28 14.64
C ASP A 214 22.78 -7.08 14.22
N CYS A 215 22.37 -5.82 14.10
CA CYS A 215 21.02 -5.48 13.65
C CYS A 215 20.77 -6.01 12.25
N GLN A 216 19.59 -6.60 12.04
CA GLN A 216 19.25 -7.22 10.76
C GLN A 216 18.35 -6.32 9.91
N ILE A 217 18.68 -6.20 8.63
CA ILE A 217 17.84 -5.45 7.69
C ILE A 217 16.95 -6.42 6.92
N CYS A 218 15.64 -6.26 7.08
CA CYS A 218 14.68 -7.20 6.51
C CYS A 218 14.18 -6.78 5.13
N ALA A 219 13.52 -7.71 4.46
CA ALA A 219 12.87 -7.43 3.18
C ALA A 219 11.67 -6.51 3.42
N GLY A 220 11.46 -5.56 2.52
CA GLY A 220 10.44 -4.55 2.73
C GLY A 220 9.07 -4.88 2.15
N THR A 221 8.30 -3.83 1.89
CA THR A 221 6.95 -3.98 1.33
C THR A 221 6.47 -2.65 0.75
N THR A 222 5.19 -2.57 0.43
CA THR A 222 4.61 -1.31 -0.02
C THR A 222 3.91 -0.61 1.15
N ASP A 223 3.64 0.68 1.01
CA ASP A 223 3.09 1.46 2.10
C ASP A 223 1.62 1.12 2.37
N SER A 224 0.87 0.77 1.34
CA SER A 224 -0.54 0.42 1.51
C SER A 224 -0.68 -0.91 2.24
N ILE A 225 0.14 -1.88 1.83
CA ILE A 225 0.18 -3.18 2.49
C ILE A 225 0.64 -3.02 3.94
N ALA A 226 1.63 -2.15 4.15
CA ALA A 226 2.11 -1.89 5.51
C ALA A 226 1.02 -1.28 6.37
N ALA A 227 0.24 -0.40 5.75
CA ALA A 227 -0.91 0.22 6.42
C ALA A 227 -1.93 -0.85 6.80
N PHE A 228 -2.10 -1.84 5.94
CA PHE A 228 -2.96 -2.97 6.27
C PHE A 228 -2.39 -3.78 7.43
N LEU A 229 -1.06 -3.91 7.45
CA LEU A 229 -0.38 -4.67 8.50
C LEU A 229 -0.48 -3.96 9.84
N ALA A 230 -0.66 -2.66 9.81
CA ALA A 230 -0.82 -1.86 11.03
C ALA A 230 -2.08 -2.27 11.80
N SER A 231 -3.10 -2.75 11.09
CA SER A 231 -4.37 -3.11 11.72
C SER A 231 -4.26 -4.34 12.61
N GLY A 232 -3.34 -5.24 12.26
CA GLY A 232 -3.12 -6.44 13.05
C GLY A 232 -3.94 -7.63 12.59
N ALA A 233 -4.79 -7.41 11.59
CA ALA A 233 -5.63 -8.48 11.05
C ALA A 233 -4.78 -9.54 10.36
N HIS A 234 -5.01 -10.81 10.70
CA HIS A 234 -4.19 -11.89 10.18
C HIS A 234 -5.00 -13.15 9.90
N GLN A 235 -6.31 -13.08 10.07
CA GLN A 235 -7.18 -14.20 9.78
C GLN A 235 -7.97 -13.96 8.49
N PRO A 236 -8.14 -15.01 7.67
CA PRO A 236 -8.90 -14.91 6.43
C PRO A 236 -10.33 -14.44 6.68
N GLY A 237 -10.82 -13.52 5.84
CA GLY A 237 -12.15 -12.98 5.99
C GLY A 237 -12.15 -11.65 6.70
N GLU A 238 -11.01 -11.28 7.26
CA GLU A 238 -10.85 -9.97 7.90
C GLU A 238 -10.44 -8.92 6.86
N ALA A 239 -10.99 -7.73 7.01
CA ALA A 239 -10.74 -6.67 6.03
C ALA A 239 -10.53 -5.30 6.66
N VAL A 240 -9.78 -4.47 5.97
CA VAL A 240 -9.61 -3.08 6.36
C VAL A 240 -10.23 -2.16 5.33
N THR A 241 -11.12 -1.30 5.79
CA THR A 241 -11.73 -0.28 4.94
C THR A 241 -11.12 1.08 5.24
N SER A 242 -10.55 1.69 4.21
CA SER A 242 -10.02 3.04 4.32
C SER A 242 -11.05 4.03 3.80
N LEU A 243 -11.65 4.78 4.72
CA LEU A 243 -12.64 5.79 4.39
C LEU A 243 -12.01 7.17 4.27
N GLY A 244 -11.20 7.36 3.24
CA GLY A 244 -10.56 8.63 3.00
C GLY A 244 -11.23 9.39 1.87
N SER A 245 -10.41 10.07 1.06
CA SER A 245 -10.92 10.79 -0.11
C SER A 245 -11.56 9.80 -1.08
N THR A 246 -11.01 8.59 -1.12
CA THR A 246 -11.58 7.50 -1.87
C THR A 246 -11.71 6.27 -0.98
N ILE A 247 -12.84 5.57 -1.09
CA ILE A 247 -13.06 4.36 -0.33
C ILE A 247 -12.18 3.23 -0.84
N VAL A 248 -11.25 2.76 -0.01
CA VAL A 248 -10.35 1.69 -0.42
C VAL A 248 -10.53 0.44 0.42
N LEU A 249 -10.93 -0.66 -0.23
CA LEU A 249 -11.16 -1.92 0.47
C LEU A 249 -9.98 -2.87 0.35
N LYS A 250 -9.60 -3.48 1.47
CA LYS A 250 -8.56 -4.51 1.46
C LYS A 250 -9.02 -5.75 2.23
N LEU A 251 -9.17 -6.87 1.54
CA LEU A 251 -9.71 -8.08 2.15
C LEU A 251 -8.71 -9.24 2.18
N LEU A 252 -8.55 -9.84 3.36
CA LEU A 252 -7.65 -10.97 3.52
C LEU A 252 -8.38 -12.29 3.23
N SER A 253 -7.85 -13.04 2.25
CA SER A 253 -8.52 -14.25 1.78
C SER A 253 -7.55 -15.42 1.59
N GLN A 254 -8.11 -16.63 1.54
CA GLN A 254 -7.30 -17.82 1.30
C GLN A 254 -7.04 -18.03 -0.19
N VAL A 255 -7.75 -17.26 -1.01
CA VAL A 255 -7.69 -17.42 -2.45
C VAL A 255 -7.38 -16.11 -3.15
N ALA A 256 -6.45 -16.17 -4.12
CA ALA A 256 -6.14 -15.00 -4.93
C ALA A 256 -7.22 -14.77 -5.97
N VAL A 257 -7.84 -13.59 -5.93
CA VAL A 257 -8.85 -13.22 -6.90
C VAL A 257 -8.40 -12.03 -7.72
N SER A 258 -8.96 -11.88 -8.92
CA SER A 258 -8.58 -10.77 -9.78
C SER A 258 -9.69 -10.40 -10.77
N ASP A 259 -9.64 -9.16 -11.24
CA ASP A 259 -10.57 -8.65 -12.23
C ASP A 259 -9.96 -7.40 -12.86
N ARG A 260 -9.42 -7.55 -14.06
CA ARG A 260 -8.64 -6.48 -14.70
C ARG A 260 -9.48 -5.27 -15.06
N LEU A 261 -10.75 -5.48 -15.40
CA LEU A 261 -11.64 -4.39 -15.76
C LEU A 261 -11.85 -3.43 -14.58
N THR A 262 -11.81 -3.96 -13.36
CA THR A 262 -11.97 -3.15 -12.17
C THR A 262 -10.66 -2.98 -11.41
N GLY A 263 -9.57 -3.42 -12.03
CA GLY A 263 -8.25 -3.26 -11.47
C GLY A 263 -7.98 -4.10 -10.23
N VAL A 264 -8.85 -5.08 -9.98
CA VAL A 264 -8.70 -5.94 -8.80
C VAL A 264 -7.60 -6.97 -9.01
N TYR A 265 -6.66 -7.03 -8.07
CA TYR A 265 -5.63 -8.06 -8.08
C TYR A 265 -5.34 -8.51 -6.65
N SER A 266 -4.33 -9.38 -6.50
CA SER A 266 -4.02 -9.93 -5.19
C SER A 266 -2.52 -9.96 -4.90
N HIS A 267 -2.14 -9.41 -3.76
CA HIS A 267 -0.77 -9.54 -3.28
C HIS A 267 -0.65 -10.83 -2.46
N LYS A 268 0.48 -11.52 -2.57
CA LYS A 268 0.72 -12.67 -1.71
C LYS A 268 1.00 -12.17 -0.30
N LEU A 269 0.44 -12.84 0.69
CA LEU A 269 0.68 -12.48 2.08
C LEU A 269 0.81 -13.72 2.96
N GLY A 270 2.04 -14.22 3.09
CA GLY A 270 2.28 -15.46 3.78
C GLY A 270 1.68 -16.63 3.02
N GLY A 271 0.88 -17.43 3.72
CA GLY A 271 0.13 -18.50 3.07
C GLY A 271 -1.21 -18.00 2.56
N TYR A 272 -1.48 -16.72 2.80
CA TYR A 272 -2.74 -16.11 2.42
C TYR A 272 -2.56 -15.14 1.25
N TRP A 273 -3.63 -14.42 0.94
CA TRP A 273 -3.63 -13.42 -0.12
C TRP A 273 -4.35 -12.17 0.35
N LEU A 274 -3.76 -11.01 0.08
CA LEU A 274 -4.43 -9.75 0.32
C LEU A 274 -5.02 -9.21 -0.99
N THR A 275 -6.35 -9.26 -1.09
CA THR A 275 -7.04 -8.73 -2.25
C THR A 275 -7.65 -7.39 -1.90
N GLY A 276 -8.37 -6.80 -2.85
CA GLY A 276 -9.04 -5.53 -2.59
C GLY A 276 -9.26 -4.69 -3.81
N GLY A 277 -9.83 -3.50 -3.61
CA GLY A 277 -10.15 -2.60 -4.69
C GLY A 277 -10.31 -1.16 -4.22
N ALA A 278 -10.53 -0.25 -5.16
CA ALA A 278 -10.68 1.16 -4.81
C ALA A 278 -11.76 1.84 -5.64
N SER A 279 -12.75 2.39 -4.96
CA SER A 279 -13.82 3.14 -5.61
C SER A 279 -13.44 4.61 -5.76
N ASN A 280 -13.99 5.25 -6.78
CA ASN A 280 -13.76 6.68 -6.98
C ASN A 280 -14.59 7.52 -6.03
N CYS A 281 -15.60 6.89 -5.43
CA CYS A 281 -16.41 7.53 -4.40
C CYS A 281 -15.61 7.62 -3.10
N GLY A 282 -15.99 8.56 -2.24
CA GLY A 282 -15.32 8.73 -0.97
C GLY A 282 -15.68 10.02 -0.26
N GLY A 283 -14.82 10.46 0.65
CA GLY A 283 -15.05 11.67 1.40
C GLY A 283 -15.04 12.93 0.57
N ALA A 284 -14.38 12.88 -0.58
CA ALA A 284 -14.29 14.04 -1.47
C ALA A 284 -15.66 14.49 -1.93
N THR A 285 -16.56 13.52 -2.11
CA THR A 285 -17.94 13.82 -2.50
C THR A 285 -18.65 14.54 -1.36
N LEU A 286 -18.30 14.18 -0.13
CA LEU A 286 -18.88 14.82 1.05
C LEU A 286 -18.37 16.25 1.21
N ARG A 287 -17.09 16.45 0.93
CA ARG A 287 -16.47 17.76 1.06
C ARG A 287 -16.96 18.73 -0.01
N GLN A 288 -17.65 18.19 -1.01
CA GLN A 288 -18.23 18.99 -2.07
C GLN A 288 -19.43 19.79 -1.55
N PHE A 289 -20.06 19.29 -0.50
CA PHE A 289 -21.23 19.94 0.08
C PHE A 289 -20.96 20.58 1.44
N PHE A 290 -20.19 19.89 2.29
CA PHE A 290 -19.95 20.37 3.64
C PHE A 290 -18.49 20.26 4.06
N PRO A 291 -18.03 21.19 4.92
CA PRO A 291 -16.75 21.05 5.62
C PRO A 291 -16.85 19.97 6.67
N ASP A 292 -15.73 19.61 7.30
CA ASP A 292 -15.73 18.53 8.29
C ASP A 292 -16.58 18.87 9.52
N THR A 293 -16.49 20.11 9.98
CA THR A 293 -17.22 20.53 11.17
C THR A 293 -18.72 20.51 10.94
N GLU A 294 -19.15 20.96 9.77
CA GLU A 294 -20.56 20.91 9.42
C GLU A 294 -20.99 19.47 9.17
N LEU A 295 -20.05 18.66 8.67
CA LEU A 295 -20.29 17.25 8.43
C LEU A 295 -20.64 16.54 9.74
N GLU A 296 -19.88 16.87 10.79
CA GLU A 296 -20.17 16.34 12.12
C GLU A 296 -21.49 16.91 12.64
N SER A 297 -21.59 18.23 12.62
CA SER A 297 -22.78 18.94 13.11
C SER A 297 -24.08 18.38 12.53
N LEU A 298 -24.02 17.92 11.29
CA LEU A 298 -25.17 17.29 10.65
C LEU A 298 -25.26 15.80 10.99
N SER A 299 -24.11 15.14 11.12
CA SER A 299 -24.08 13.71 11.42
C SER A 299 -24.71 13.41 12.78
N CYS A 300 -24.61 14.36 13.70
CA CYS A 300 -25.17 14.18 15.04
C CYS A 300 -26.71 14.22 15.03
N GLN A 301 -27.28 14.62 13.90
CA GLN A 301 -28.73 14.70 13.78
C GLN A 301 -29.33 13.58 12.94
N ILE A 302 -28.47 12.72 12.41
CA ILE A 302 -28.90 11.63 11.53
C ILE A 302 -29.25 10.36 12.30
N ASP A 303 -30.45 9.85 12.06
CA ASP A 303 -30.87 8.57 12.63
C ASP A 303 -30.84 7.49 11.55
N PRO A 304 -29.78 6.65 11.58
CA PRO A 304 -29.50 5.65 10.54
C PRO A 304 -30.51 4.50 10.48
N THR A 305 -31.34 4.36 11.51
CA THR A 305 -32.32 3.27 11.54
C THR A 305 -33.38 3.47 10.47
N LYS A 306 -33.82 4.72 10.31
CA LYS A 306 -34.84 5.03 9.32
C LYS A 306 -34.20 5.54 8.02
N LYS A 307 -34.38 4.76 6.96
CA LYS A 307 -33.84 5.09 5.65
C LYS A 307 -34.36 6.44 5.15
N SER A 308 -33.48 7.22 4.53
CA SER A 308 -33.85 8.54 4.03
C SER A 308 -34.77 8.43 2.81
N GLY A 309 -34.73 7.29 2.15
CA GLY A 309 -35.51 7.07 0.94
C GLY A 309 -34.71 7.43 -0.29
N LEU A 310 -33.66 8.22 -0.09
CA LEU A 310 -32.78 8.62 -1.18
C LEU A 310 -31.87 7.46 -1.58
N ASP A 311 -31.39 7.49 -2.81
CA ASP A 311 -30.48 6.44 -3.29
C ASP A 311 -29.43 7.01 -4.21
N TYR A 312 -28.34 7.49 -3.63
CA TYR A 312 -27.27 8.13 -4.39
C TYR A 312 -26.15 7.18 -4.76
N TYR A 313 -25.46 7.49 -5.85
CA TYR A 313 -24.16 6.90 -6.11
C TYR A 313 -23.12 8.00 -6.01
N PRO A 314 -22.49 8.12 -4.84
CA PRO A 314 -21.63 9.24 -4.44
C PRO A 314 -20.36 9.41 -5.26
N LEU A 315 -20.45 9.28 -6.58
CA LEU A 315 -19.32 9.63 -7.44
C LEU A 315 -19.09 11.13 -7.33
N PRO A 316 -17.81 11.54 -7.24
CA PRO A 316 -17.50 12.96 -7.20
C PRO A 316 -17.38 13.55 -8.60
N SER A 317 -17.07 12.70 -9.57
CA SER A 317 -16.72 13.14 -10.91
C SER A 317 -17.12 12.11 -11.97
N ARG A 318 -16.37 12.10 -13.07
CA ARG A 318 -16.68 11.22 -14.20
C ARG A 318 -15.86 9.94 -14.18
N GLY A 319 -16.53 8.80 -14.17
CA GLY A 319 -15.86 7.51 -14.23
C GLY A 319 -15.86 6.77 -12.91
N GLU A 320 -16.05 5.45 -12.98
CA GLU A 320 -16.00 4.61 -11.79
C GLU A 320 -15.19 3.34 -12.05
N ARG A 321 -14.31 3.01 -11.12
CA ARG A 321 -13.46 1.83 -11.24
C ARG A 321 -14.08 0.61 -10.57
N PHE A 322 -14.41 0.77 -9.30
CA PHE A 322 -14.77 -0.35 -8.42
C PHE A 322 -16.00 0.02 -7.59
N PRO A 323 -16.88 -0.95 -7.31
CA PRO A 323 -16.86 -2.38 -7.66
C PRO A 323 -17.19 -2.67 -9.12
N ILE A 324 -18.00 -1.82 -9.75
CA ILE A 324 -18.35 -2.00 -11.16
C ILE A 324 -17.64 -0.95 -12.01
N ALA A 325 -17.04 -1.40 -13.11
CA ALA A 325 -16.30 -0.50 -13.99
C ALA A 325 -17.22 0.20 -14.99
N ASP A 326 -17.16 1.52 -14.99
CA ASP A 326 -17.97 2.33 -15.91
C ASP A 326 -17.33 3.70 -16.08
N PRO A 327 -16.58 3.89 -17.17
CA PRO A 327 -15.84 5.14 -17.42
C PRO A 327 -16.75 6.30 -17.79
N ASP A 328 -18.05 6.04 -17.94
CA ASP A 328 -19.00 7.08 -18.32
C ASP A 328 -20.19 7.17 -17.38
N ARG A 329 -20.03 6.67 -16.15
CA ARG A 329 -21.12 6.72 -15.19
C ARG A 329 -21.21 8.08 -14.53
N LEU A 330 -22.44 8.56 -14.32
CA LEU A 330 -22.68 9.87 -13.75
C LEU A 330 -22.79 9.83 -12.23
N PRO A 331 -22.32 10.90 -11.57
CA PRO A 331 -22.63 11.12 -10.16
C PRO A 331 -24.12 11.31 -9.96
N GLN A 332 -24.79 10.32 -9.37
CA GLN A 332 -26.20 10.48 -9.11
C GLN A 332 -26.31 11.06 -7.70
N LEU A 333 -26.44 12.37 -7.63
CA LEU A 333 -26.64 13.05 -6.35
C LEU A 333 -28.00 13.72 -6.37
N GLU A 334 -28.93 13.06 -7.05
CA GLU A 334 -30.29 13.56 -7.22
C GLU A 334 -31.30 12.47 -6.89
N PRO A 335 -32.45 12.86 -6.33
CA PRO A 335 -32.84 14.24 -6.04
C PRO A 335 -32.27 14.75 -4.73
N ARG A 336 -31.67 15.94 -4.74
CA ARG A 336 -31.24 16.55 -3.48
C ARG A 336 -32.44 17.22 -2.82
N PRO A 337 -32.71 16.84 -1.56
CA PRO A 337 -33.90 17.28 -0.82
C PRO A 337 -33.73 18.56 -0.02
N GLU A 338 -34.67 18.77 0.90
CA GLU A 338 -34.76 20.03 1.65
C GLU A 338 -33.73 20.10 2.77
N ASN A 339 -33.92 19.26 3.79
CA ASN A 339 -33.01 19.23 4.94
C ASN A 339 -31.65 18.65 4.55
N PRO A 340 -30.58 19.43 4.79
CA PRO A 340 -29.21 18.94 4.52
C PRO A 340 -28.84 17.72 5.36
N VAL A 341 -29.58 17.50 6.45
CA VAL A 341 -29.37 16.34 7.31
C VAL A 341 -29.69 15.05 6.55
N GLN A 342 -30.87 15.00 5.94
CA GLN A 342 -31.28 13.80 5.23
C GLN A 342 -30.51 13.67 3.92
N PHE A 343 -29.98 14.78 3.43
CA PHE A 343 -29.13 14.76 2.25
C PHE A 343 -27.79 14.10 2.56
N LEU A 344 -27.18 14.52 3.67
CA LEU A 344 -25.95 13.89 4.14
C LEU A 344 -26.20 12.42 4.46
N GLN A 345 -27.35 12.11 5.05
CA GLN A 345 -27.71 10.72 5.32
C GLN A 345 -27.76 9.92 4.02
N GLY A 346 -28.35 10.51 2.98
CA GLY A 346 -28.40 9.87 1.67
C GLY A 346 -27.02 9.60 1.10
N LEU A 347 -26.13 10.58 1.24
CA LEU A 347 -24.75 10.43 0.78
C LEU A 347 -24.05 9.28 1.51
N LEU A 348 -24.19 9.28 2.83
CA LEU A 348 -23.59 8.24 3.67
C LEU A 348 -24.13 6.86 3.30
N GLU A 349 -25.42 6.79 3.00
CA GLU A 349 -26.04 5.55 2.56
C GLU A 349 -25.46 5.10 1.22
N GLY A 350 -25.17 6.07 0.36
CA GLY A 350 -24.55 5.79 -0.92
C GLY A 350 -23.17 5.18 -0.77
N LEU A 351 -22.31 5.85 0.00
CA LEU A 351 -20.96 5.36 0.28
C LEU A 351 -21.01 3.98 0.94
N THR A 352 -21.99 3.81 1.83
CA THR A 352 -22.24 2.53 2.47
C THR A 352 -22.50 1.44 1.44
N GLN A 353 -23.37 1.73 0.49
CA GLN A 353 -23.68 0.79 -0.58
C GLN A 353 -22.42 0.50 -1.42
N VAL A 354 -21.58 1.51 -1.60
CA VAL A 354 -20.33 1.33 -2.33
C VAL A 354 -19.43 0.30 -1.63
N GLU A 355 -19.25 0.46 -0.32
CA GLU A 355 -18.44 -0.49 0.44
C GLU A 355 -19.05 -1.89 0.42
N THR A 356 -20.38 -1.95 0.57
CA THR A 356 -21.11 -3.22 0.61
C THR A 356 -20.96 -3.99 -0.69
N LEU A 357 -21.34 -3.35 -1.79
CA LEU A 357 -21.20 -3.92 -3.12
C LEU A 357 -19.75 -4.30 -3.38
N GLY A 358 -18.82 -3.50 -2.87
CA GLY A 358 -17.40 -3.78 -3.03
C GLY A 358 -16.96 -5.09 -2.40
N TYR A 359 -17.24 -5.26 -1.11
CA TYR A 359 -16.85 -6.47 -0.40
C TYR A 359 -17.59 -7.70 -0.92
N GLN A 360 -18.88 -7.54 -1.19
CA GLN A 360 -19.68 -8.65 -1.72
C GLN A 360 -19.16 -9.08 -3.09
N ARG A 361 -18.75 -8.11 -3.90
CA ARG A 361 -18.16 -8.38 -5.21
C ARG A 361 -16.82 -9.10 -5.05
N LEU A 362 -16.02 -8.66 -4.08
CA LEU A 362 -14.77 -9.33 -3.79
C LEU A 362 -15.00 -10.80 -3.45
N GLN A 363 -16.02 -11.06 -2.64
CA GLN A 363 -16.39 -12.43 -2.29
C GLN A 363 -16.86 -13.22 -3.51
N ASP A 364 -17.62 -12.55 -4.39
CA ASP A 364 -18.17 -13.22 -5.57
C ASP A 364 -17.09 -13.64 -6.55
N LEU A 365 -15.92 -13.00 -6.48
CA LEU A 365 -14.81 -13.35 -7.35
C LEU A 365 -14.04 -14.55 -6.81
N GLY A 366 -14.43 -15.03 -5.63
CA GLY A 366 -13.85 -16.23 -5.05
C GLY A 366 -13.17 -16.03 -3.71
N ALA A 367 -13.08 -14.78 -3.26
CA ALA A 367 -12.39 -14.47 -2.01
C ALA A 367 -13.13 -15.03 -0.80
N THR A 368 -12.40 -15.22 0.28
CA THR A 368 -12.96 -15.73 1.54
C THR A 368 -14.03 -14.79 2.07
N PRO A 369 -15.21 -15.35 2.39
CA PRO A 369 -16.34 -14.60 2.96
C PRO A 369 -15.94 -13.69 4.12
N LEU A 370 -16.50 -12.48 4.13
CA LEU A 370 -16.16 -11.46 5.11
C LEU A 370 -16.52 -11.87 6.54
N LYS A 371 -15.62 -11.63 7.48
CA LYS A 371 -15.87 -11.93 8.88
C LYS A 371 -16.07 -10.67 9.72
N ARG A 372 -15.21 -9.67 9.51
CA ARG A 372 -15.30 -8.42 10.26
C ARG A 372 -14.52 -7.32 9.57
N ILE A 373 -14.81 -6.08 9.95
CA ILE A 373 -14.20 -4.91 9.32
C ILE A 373 -13.46 -4.03 10.31
N TRP A 374 -12.21 -3.73 10.01
CA TRP A 374 -11.46 -2.71 10.74
C TRP A 374 -11.39 -1.46 9.87
N THR A 375 -11.79 -0.33 10.43
CA THR A 375 -11.93 0.88 9.62
C THR A 375 -10.83 1.91 9.87
N ALA A 376 -10.29 2.46 8.80
CA ALA A 376 -9.29 3.52 8.88
C ALA A 376 -9.73 4.71 8.04
N GLY A 377 -8.97 5.80 8.12
CA GLY A 377 -9.28 6.99 7.35
C GLY A 377 -10.13 8.00 8.11
N GLY A 378 -10.49 9.09 7.44
CA GLY A 378 -11.22 10.17 8.06
C GLY A 378 -12.64 9.80 8.50
N GLY A 379 -13.30 8.94 7.74
CA GLY A 379 -14.67 8.56 8.04
C GLY A 379 -14.80 7.42 9.04
N ALA A 380 -13.67 6.96 9.56
CA ALA A 380 -13.65 5.85 10.51
C ALA A 380 -14.34 6.20 11.82
N LYS A 381 -14.23 7.47 12.23
CA LYS A 381 -14.77 7.91 13.51
C LYS A 381 -16.25 8.23 13.43
N ASN A 382 -16.79 8.27 12.21
CA ASN A 382 -18.21 8.57 11.99
C ASN A 382 -19.09 7.39 12.38
N ALA A 383 -19.76 7.51 13.53
CA ALA A 383 -20.54 6.41 14.08
C ALA A 383 -21.83 6.14 13.32
N VAL A 384 -22.45 7.16 12.77
CA VAL A 384 -23.66 6.98 11.98
C VAL A 384 -23.34 6.21 10.70
N TRP A 385 -22.30 6.67 10.01
CA TRP A 385 -21.78 6.00 8.84
C TRP A 385 -21.45 4.54 9.17
N GLN A 386 -20.86 4.33 10.34
CA GLN A 386 -20.51 2.98 10.78
C GLN A 386 -21.75 2.14 11.03
N GLN A 387 -22.83 2.76 11.51
CA GLN A 387 -24.07 2.05 11.76
C GLN A 387 -24.69 1.59 10.44
N LEU A 388 -24.75 2.52 9.49
CA LEU A 388 -25.25 2.21 8.15
C LEU A 388 -24.46 1.07 7.53
N ARG A 389 -23.13 1.17 7.63
CA ARG A 389 -22.23 0.15 7.10
C ARG A 389 -22.49 -1.21 7.77
N GLN A 390 -22.47 -1.24 9.10
CA GLN A 390 -22.55 -2.48 9.86
C GLN A 390 -23.96 -3.03 9.88
N GLN A 391 -24.91 -2.30 9.32
CA GLN A 391 -26.24 -2.86 9.14
C GLN A 391 -26.39 -3.39 7.70
N ALA A 392 -25.64 -2.78 6.78
CA ALA A 392 -25.73 -3.17 5.37
C ALA A 392 -24.84 -4.38 5.02
N ILE A 393 -23.69 -4.50 5.67
CA ILE A 393 -22.70 -5.55 5.38
C ILE A 393 -23.04 -6.89 6.03
N GLY A 394 -23.21 -6.87 7.36
CA GLY A 394 -23.62 -8.05 8.11
C GLY A 394 -22.59 -8.50 9.11
N VAL A 395 -21.47 -7.79 9.16
CA VAL A 395 -20.34 -8.19 10.00
C VAL A 395 -20.01 -7.11 11.02
N PRO A 396 -19.36 -7.50 12.13
CA PRO A 396 -18.89 -6.52 13.11
C PRO A 396 -17.91 -5.53 12.50
N ILE A 397 -18.04 -4.25 12.86
CA ILE A 397 -17.16 -3.22 12.33
C ILE A 397 -16.57 -2.39 13.47
N ALA A 398 -15.26 -2.21 13.44
CA ALA A 398 -14.57 -1.45 14.48
C ALA A 398 -13.49 -0.55 13.89
N ILE A 399 -13.00 0.39 14.68
CA ILE A 399 -11.91 1.24 14.28
C ILE A 399 -10.57 0.51 14.45
N ALA A 400 -9.78 0.49 13.39
CA ALA A 400 -8.47 -0.16 13.43
C ALA A 400 -7.59 0.42 14.53
N PRO A 401 -7.03 -0.44 15.40
CA PRO A 401 -6.16 -0.04 16.51
C PRO A 401 -4.98 0.81 16.05
N ASN A 402 -4.41 0.46 14.91
CA ASN A 402 -3.32 1.23 14.33
C ASN A 402 -3.46 1.34 12.81
N THR A 403 -3.10 2.49 12.26
CA THR A 403 -3.25 2.74 10.83
C THR A 403 -1.95 3.22 10.19
N GLU A 404 -0.97 3.56 11.02
CA GLU A 404 0.30 4.06 10.53
C GLU A 404 1.11 2.98 9.82
N ALA A 405 1.49 3.26 8.58
CA ALA A 405 2.27 2.31 7.78
C ALA A 405 3.58 1.93 8.45
N ALA A 406 4.21 2.89 9.12
CA ALA A 406 5.48 2.66 9.79
C ALA A 406 5.34 1.64 10.93
N PHE A 407 4.17 1.63 11.56
CA PHE A 407 3.89 0.68 12.62
C PHE A 407 3.77 -0.73 12.07
N GLY A 408 3.02 -0.87 10.97
CA GLY A 408 2.86 -2.15 10.31
C GLY A 408 4.18 -2.68 9.79
N THR A 409 5.03 -1.75 9.34
CA THR A 409 6.37 -2.10 8.88
C THR A 409 7.26 -2.53 10.05
N ALA A 410 7.06 -1.90 11.20
CA ALA A 410 7.79 -2.28 12.41
C ALA A 410 7.38 -3.69 12.84
N ARG A 411 6.09 -3.98 12.70
CA ARG A 411 5.58 -5.32 12.96
C ARG A 411 6.15 -6.31 11.96
N LEU A 412 6.34 -5.84 10.73
CA LEU A 412 6.93 -6.68 9.69
C LEU A 412 8.35 -7.04 10.08
N ALA A 413 9.09 -6.06 10.59
CA ALA A 413 10.46 -6.29 11.04
C ALA A 413 10.50 -7.24 12.24
N ALA A 414 9.54 -7.08 13.15
CA ALA A 414 9.53 -7.84 14.39
C ALA A 414 9.09 -9.30 14.21
N PHE A 415 8.09 -9.53 13.37
CA PHE A 415 7.48 -10.85 13.29
C PHE A 415 7.40 -11.43 11.87
N GLY A 416 7.65 -10.60 10.87
CA GLY A 416 7.50 -11.02 9.49
C GLY A 416 6.05 -11.36 9.15
N LEU A 417 5.86 -12.28 8.22
CA LEU A 417 4.52 -12.69 7.81
C LEU A 417 4.14 -14.04 8.39
N ALA A 418 4.71 -14.35 9.55
CA ALA A 418 4.51 -15.65 10.20
C ALA A 418 3.07 -15.86 10.63
N ALA A 419 2.40 -14.78 11.00
CA ALA A 419 1.02 -14.87 11.49
C ALA A 419 0.04 -15.23 10.38
N PHE A 420 0.47 -15.05 9.13
CA PHE A 420 -0.42 -15.27 7.99
C PHE A 420 -0.29 -16.69 7.44
N HIS A 421 -0.56 -17.67 8.30
CA HIS A 421 -0.53 -19.07 7.92
C HIS A 421 -1.64 -19.84 8.64
N SER A 422 -1.93 -21.05 8.16
CA SER A 422 -3.04 -21.84 8.65
C SER A 422 -3.03 -22.08 10.16
N ALA A 423 -2.10 -22.92 10.61
CA ALA A 423 -2.02 -23.28 12.03
C ALA A 423 -0.60 -23.65 12.43
#